data_8GJT
#
_entry.id   8GJT
#
_cell.length_a   64.670
_cell.length_b   66.010
_cell.length_c   87.830
_cell.angle_alpha   90.00
_cell.angle_beta   90.00
_cell.angle_gamma   90.00
#
_symmetry.space_group_name_H-M   'P 21 21 21'
#
loop_
_entity.id
_entity.type
_entity.pdbx_description
1 polymer 'HIV-1 LM/HT Clade A/E CRF01 gp120 core'
2 non-polymer 2-acetamido-2-deoxy-beta-D-glucopyranose
3 non-polymer (3S)-N-(4-chloro-3-fluorophenyl)-1-[(3R,5S)-3,4,5-trimethylpiperazine-1-carbonyl]piperidine-3-carboxamide
4 non-polymer '4-(2-HYDROXYETHYL)-1-PIPERAZINE ETHANESULFONIC ACID'
5 non-polymer 'CHLORIDE ION'
#
_entity_poly.entity_id   1
_entity_poly.type   'polypeptide(L)'
_entity_poly.pdbx_seq_one_letter_code
;VPVWKDADTTLFCASDAKAYETEVHNVWATHACVPTDPNPQEIHLENVTENFNMWKNNMVEQMHEDIISLWDQSLQPCVK
LTGGSVIKQACPKISFDPIPIHYCTPAGYVILKCNDKNFNGTGPCKNVSSVQCTHGIKPVVSTQLLLNGSLAEEEIIIRS
ENLTNNAKTIIVHLNKSVEINCTRPSNGGSGSGGDIRKAYCEINGTKWNKVLKQVTEKLKEHFNNKTIIFQPPSGGDLEI
TMHTFNCRGEFFYCNTTQLFNNTCIGNETMKGCNGTITLPCKIKQIINMWQGTGQAMYAPPIDGKINCVSNITGILLTRD
GGANNTSNETFRPGGGDMRDNWRSELYKYKVVQIE
;
_entity_poly.pdbx_strand_id   A
#
loop_
_chem_comp.id
_chem_comp.type
_chem_comp.name
_chem_comp.formula
CL non-polymer 'CHLORIDE ION' 'Cl -1'
EPE non-polymer '4-(2-HYDROXYETHYL)-1-PIPERAZINE ETHANESULFONIC ACID' 'C8 H18 N2 O4 S'
NAG D-saccharide, beta linking 2-acetamido-2-deoxy-beta-D-glucopyranose 'C8 H15 N O6'
ZNF non-polymer (3S)-N-(4-chloro-3-fluorophenyl)-1-[(3R,5S)-3,4,5-trimethylpiperazine-1-carbonyl]piperidine-3-carboxamide 'C20 H28 Cl F N4 O2'
#
# COMPACT_ATOMS: atom_id res chain seq x y z
N TRP A 4 0.77 15.21 -27.22
CA TRP A 4 1.72 14.87 -26.17
C TRP A 4 2.64 13.75 -26.64
N LYS A 5 3.60 13.42 -25.79
CA LYS A 5 4.52 12.33 -26.05
C LYS A 5 5.04 11.80 -24.71
N ASP A 6 5.29 10.50 -24.66
CA ASP A 6 5.73 9.87 -23.43
C ASP A 6 7.05 10.45 -22.97
N ALA A 7 7.05 11.02 -21.78
CA ALA A 7 8.26 11.60 -21.20
C ALA A 7 8.10 11.61 -19.69
N ASP A 8 9.18 11.93 -19.00
CA ASP A 8 9.16 11.99 -17.56
C ASP A 8 9.96 13.18 -17.08
N THR A 9 9.42 13.87 -16.08
CA THR A 9 10.04 15.05 -15.50
C THR A 9 9.79 15.01 -13.99
N THR A 10 10.78 15.45 -13.23
CA THR A 10 10.69 15.41 -11.77
C THR A 10 9.55 16.30 -11.30
N LEU A 11 8.42 15.69 -10.94
CA LEU A 11 7.24 16.45 -10.55
C LEU A 11 7.43 17.03 -9.16
N PHE A 12 6.38 17.68 -8.66
CA PHE A 12 6.33 18.21 -7.30
C PHE A 12 5.05 17.71 -6.64
N CYS A 13 4.90 18.02 -5.36
CA CYS A 13 3.81 17.49 -4.55
C CYS A 13 2.92 18.63 -4.04
N ALA A 14 1.74 18.26 -3.56
CA ALA A 14 0.77 19.19 -3.01
C ALA A 14 0.05 18.51 -1.85
N SER A 15 -0.05 19.23 -0.73
CA SER A 15 -0.66 18.69 0.49
C SER A 15 -1.72 19.64 1.02
N ASP A 16 -2.60 19.09 1.86
CA ASP A 16 -3.60 19.87 2.57
C ASP A 16 -3.20 20.13 4.01
N ALA A 17 -1.89 20.11 4.29
CA ALA A 17 -1.41 20.05 5.65
C ALA A 17 -1.67 21.36 6.39
N LYS A 18 -1.47 21.31 7.70
CA LYS A 18 -1.62 22.46 8.58
C LYS A 18 -0.25 22.96 8.99
N ALA A 19 -0.11 24.28 9.08
CA ALA A 19 1.16 24.88 9.45
C ALA A 19 1.41 24.89 10.96
N TYR A 20 0.42 24.51 11.77
CA TYR A 20 0.59 24.53 13.22
C TYR A 20 0.81 23.13 13.80
N GLU A 21 0.13 22.12 13.27
CA GLU A 21 0.27 20.77 13.77
C GLU A 21 1.72 20.30 13.67
N THR A 22 2.13 19.51 14.65
CA THR A 22 3.46 18.91 14.66
C THR A 22 3.45 17.46 14.22
N GLU A 23 2.30 16.92 13.82
CA GLU A 23 2.28 15.61 13.20
C GLU A 23 3.21 15.63 12.00
N VAL A 24 4.10 14.63 11.92
CA VAL A 24 5.33 14.84 11.17
C VAL A 24 5.12 14.64 9.67
N HIS A 25 4.04 13.99 9.26
CA HIS A 25 3.68 13.98 7.84
C HIS A 25 3.33 15.39 7.37
N ASN A 26 2.55 16.12 8.15
CA ASN A 26 2.31 17.54 7.88
C ASN A 26 3.63 18.31 7.81
N VAL A 27 4.47 18.15 8.83
CA VAL A 27 5.69 18.95 8.94
C VAL A 27 6.53 18.81 7.67
N TRP A 28 6.73 17.58 7.20
CA TRP A 28 7.54 17.40 6.00
C TRP A 28 6.82 17.93 4.77
N ALA A 29 5.50 17.74 4.69
CA ALA A 29 4.77 18.16 3.49
C ALA A 29 4.66 19.67 3.40
N THR A 30 4.50 20.35 4.54
CA THR A 30 4.36 21.81 4.53
C THR A 30 5.58 22.47 3.92
N HIS A 31 6.78 22.00 4.28
CA HIS A 31 8.02 22.56 3.76
C HIS A 31 8.62 21.73 2.62
N ALA A 32 7.82 20.85 2.01
CA ALA A 32 8.23 20.18 0.78
C ALA A 32 7.16 20.17 -0.30
N CYS A 33 5.92 20.53 0.01
CA CYS A 33 4.86 20.61 -0.98
C CYS A 33 4.22 21.99 -0.93
N VAL A 34 3.44 22.30 -1.96
CA VAL A 34 2.71 23.56 -2.04
C VAL A 34 1.24 23.29 -1.73
N PRO A 35 0.44 24.30 -1.44
CA PRO A 35 -0.99 24.07 -1.24
C PRO A 35 -1.61 23.39 -2.45
N THR A 36 -2.60 22.53 -2.19
CA THR A 36 -3.33 21.88 -3.27
C THR A 36 -3.93 22.93 -4.19
N ASP A 37 -4.06 22.57 -5.47
CA ASP A 37 -4.69 23.48 -6.42
C ASP A 37 -6.11 23.75 -5.94
N PRO A 38 -6.48 25.01 -5.66
CA PRO A 38 -7.84 25.26 -5.14
C PRO A 38 -8.93 24.74 -6.07
N ASN A 39 -8.87 25.08 -7.35
CA ASN A 39 -9.83 24.62 -8.34
C ASN A 39 -9.10 23.81 -9.41
N PRO A 40 -8.82 22.53 -9.15
CA PRO A 40 -8.30 21.67 -10.21
C PRO A 40 -9.43 21.06 -11.02
N GLN A 41 -9.17 20.87 -12.31
CA GLN A 41 -10.19 20.41 -13.22
C GLN A 41 -9.67 19.27 -14.09
N GLU A 42 -10.57 18.32 -14.35
CA GLU A 42 -10.32 17.19 -15.23
C GLU A 42 -11.01 17.44 -16.57
N ILE A 43 -10.47 16.82 -17.62
CA ILE A 43 -11.02 16.99 -18.95
C ILE A 43 -10.87 15.69 -19.72
N HIS A 44 -11.98 14.99 -19.95
CA HIS A 44 -11.95 13.72 -20.65
C HIS A 44 -11.70 13.98 -22.13
N LEU A 45 -10.56 13.52 -22.62
CA LEU A 45 -10.18 13.75 -24.01
C LEU A 45 -11.13 13.01 -24.93
N GLU A 46 -11.78 13.75 -25.84
CA GLU A 46 -12.85 13.21 -26.66
C GLU A 46 -12.41 11.99 -27.45
N ASN A 47 -12.64 10.81 -26.88
CA ASN A 47 -12.42 9.52 -27.52
C ASN A 47 -10.96 9.27 -27.88
N VAL A 48 -10.03 9.91 -27.17
CA VAL A 48 -8.60 9.68 -27.39
C VAL A 48 -8.19 8.57 -26.42
N THR A 49 -7.76 7.44 -26.98
CA THR A 49 -7.37 6.29 -26.18
C THR A 49 -5.86 6.23 -26.02
N GLU A 50 -5.41 5.99 -24.80
CA GLU A 50 -3.99 5.92 -24.49
C GLU A 50 -3.73 4.73 -23.59
N ASN A 51 -2.55 4.11 -23.76
CA ASN A 51 -2.17 2.92 -23.01
C ASN A 51 -1.08 3.27 -22.00
N PHE A 52 -1.25 2.83 -20.76
CA PHE A 52 -0.27 3.00 -19.70
C PHE A 52 0.17 1.64 -19.18
N ASN A 53 1.03 1.66 -18.15
CA ASN A 53 1.48 0.45 -17.48
C ASN A 53 2.23 0.84 -16.20
N MET A 54 1.76 0.38 -15.04
CA MET A 54 2.28 0.87 -13.77
C MET A 54 3.73 0.44 -13.58
N TRP A 55 3.99 -0.86 -13.80
CA TRP A 55 5.30 -1.46 -13.59
C TRP A 55 6.40 -0.78 -14.39
N LYS A 56 6.05 0.18 -15.26
CA LYS A 56 7.01 1.01 -15.96
C LYS A 56 6.59 2.47 -15.86
N ASN A 57 6.22 2.88 -14.66
CA ASN A 57 5.89 4.26 -14.34
C ASN A 57 6.99 4.87 -13.47
N ASN A 58 7.29 6.14 -13.72
CA ASN A 58 8.38 6.79 -13.01
C ASN A 58 7.91 7.53 -11.76
N MET A 59 6.67 8.00 -11.73
CA MET A 59 6.16 8.65 -10.52
C MET A 59 6.17 7.68 -9.34
N VAL A 60 5.99 6.38 -9.60
CA VAL A 60 6.10 5.39 -8.53
C VAL A 60 7.48 5.45 -7.90
N GLU A 61 8.52 5.44 -8.74
CA GLU A 61 9.89 5.55 -8.23
C GLU A 61 10.11 6.88 -7.56
N GLN A 62 9.58 7.96 -8.14
CA GLN A 62 9.77 9.29 -7.57
C GLN A 62 9.01 9.44 -6.27
N MET A 63 7.74 9.02 -6.24
CA MET A 63 7.01 9.01 -4.98
C MET A 63 7.75 8.20 -3.94
N HIS A 64 8.25 7.01 -4.32
CA HIS A 64 9.03 6.19 -3.41
C HIS A 64 10.12 7.02 -2.74
N GLU A 65 10.98 7.64 -3.55
CA GLU A 65 12.06 8.50 -3.05
C GLU A 65 11.55 9.56 -2.08
N ASP A 66 10.31 10.01 -2.25
CA ASP A 66 9.74 11.01 -1.34
C ASP A 66 9.61 10.48 0.07
N ILE A 67 8.88 9.38 0.24
CA ILE A 67 8.66 8.83 1.58
C ILE A 67 9.95 8.31 2.21
N ILE A 68 10.94 7.87 1.41
CA ILE A 68 12.25 7.56 1.99
C ILE A 68 12.83 8.78 2.68
N SER A 69 12.97 9.88 1.92
CA SER A 69 13.49 11.11 2.49
C SER A 69 12.60 11.63 3.61
N LEU A 70 11.29 11.45 3.48
CA LEU A 70 10.36 11.89 4.52
C LEU A 70 10.67 11.19 5.84
N TRP A 71 10.74 9.85 5.82
CA TRP A 71 10.96 9.10 7.05
C TRP A 71 12.35 9.37 7.64
N ASP A 72 13.37 9.46 6.79
CA ASP A 72 14.71 9.80 7.27
C ASP A 72 14.71 11.14 7.99
N GLN A 73 13.94 12.10 7.48
CA GLN A 73 13.74 13.35 8.20
C GLN A 73 12.94 13.14 9.47
N SER A 74 12.05 12.14 9.47
CA SER A 74 10.94 12.10 10.40
C SER A 74 11.18 11.00 11.41
N LEU A 75 10.79 9.77 11.13
CA LEU A 75 10.94 8.65 12.06
C LEU A 75 12.41 8.40 12.36
N GLN A 76 12.93 9.07 13.39
CA GLN A 76 14.36 8.87 13.51
C GLN A 76 14.66 7.81 14.57
N PRO A 77 15.62 6.93 14.30
CA PRO A 77 15.93 5.84 15.23
C PRO A 77 16.92 6.25 16.31
N CYS A 78 16.80 5.58 17.45
CA CYS A 78 17.84 5.69 18.48
C CYS A 78 19.18 5.22 17.93
N VAL A 79 19.17 4.05 17.28
CA VAL A 79 20.32 3.48 16.62
C VAL A 79 19.88 2.97 15.25
N LYS A 80 20.74 3.15 14.25
CA LYS A 80 20.49 2.70 12.89
C LYS A 80 21.75 2.01 12.37
N LEU A 81 21.68 0.69 12.22
CA LEU A 81 22.79 -0.09 11.68
C LEU A 81 22.58 -0.24 10.18
N THR A 82 23.26 0.62 9.41
CA THR A 82 23.14 0.59 7.96
C THR A 82 24.52 0.54 7.29
N ILE A 87 25.66 4.37 14.24
CA ILE A 87 25.30 5.77 14.41
C ILE A 87 24.13 5.92 15.38
N LYS A 88 24.38 6.60 16.49
CA LYS A 88 23.34 6.86 17.47
C LYS A 88 22.85 8.29 17.34
N GLN A 89 21.54 8.49 17.52
CA GLN A 89 20.92 9.80 17.42
C GLN A 89 19.88 9.92 18.54
N ALA A 90 19.14 11.03 18.52
CA ALA A 90 18.03 11.22 19.43
C ALA A 90 16.77 10.64 18.82
N CYS A 91 15.93 10.03 19.66
CA CYS A 91 14.69 9.38 19.21
C CYS A 91 13.54 9.78 20.12
N PRO A 92 13.12 11.04 20.09
CA PRO A 92 11.88 11.41 20.81
C PRO A 92 10.66 10.88 20.08
N LYS A 93 9.67 10.48 20.86
CA LYS A 93 8.45 9.92 20.29
C LYS A 93 7.57 11.06 19.78
N ILE A 94 7.13 10.94 18.53
CA ILE A 94 6.44 12.02 17.85
C ILE A 94 5.05 11.55 17.42
N SER A 95 4.22 12.52 17.04
CA SER A 95 2.93 12.25 16.45
C SER A 95 3.10 11.83 14.99
N PHE A 96 2.21 10.95 14.53
CA PHE A 96 2.34 10.36 13.21
C PHE A 96 0.98 9.86 12.75
N ASP A 97 0.51 10.37 11.62
CA ASP A 97 -0.76 9.96 11.03
C ASP A 97 -0.82 10.37 9.55
N PRO A 98 -0.98 9.40 8.64
CA PRO A 98 -0.96 9.69 7.19
C PRO A 98 -1.75 10.92 6.75
N ILE A 99 -1.22 11.62 5.75
CA ILE A 99 -1.91 12.76 5.15
C ILE A 99 -1.97 12.56 3.65
N PRO A 100 -3.08 12.95 3.00
CA PRO A 100 -3.18 12.79 1.54
C PRO A 100 -2.18 13.68 0.82
N ILE A 101 -1.45 13.08 -0.12
CA ILE A 101 -0.43 13.77 -0.90
C ILE A 101 -0.80 13.67 -2.38
N HIS A 102 -0.74 14.78 -3.08
CA HIS A 102 -0.93 14.82 -4.52
C HIS A 102 0.40 15.07 -5.22
N TYR A 103 0.45 14.72 -6.50
CA TYR A 103 1.65 14.90 -7.32
C TYR A 103 1.26 15.63 -8.61
N CYS A 104 2.10 16.57 -9.03
CA CYS A 104 1.74 17.49 -10.11
C CYS A 104 2.93 17.70 -11.05
N THR A 105 2.68 17.62 -12.36
CA THR A 105 3.71 17.97 -13.33
C THR A 105 4.06 19.45 -13.23
N PRO A 106 5.31 19.83 -13.51
CA PRO A 106 5.65 21.25 -13.60
C PRO A 106 5.26 21.87 -14.93
N ALA A 107 5.76 23.08 -15.20
CA ALA A 107 5.39 23.80 -16.41
C ALA A 107 5.92 23.07 -17.64
N GLY A 108 5.01 22.50 -18.43
CA GLY A 108 5.38 21.86 -19.68
C GLY A 108 4.71 20.51 -19.91
N TYR A 109 4.36 19.82 -18.83
CA TYR A 109 3.84 18.46 -18.89
C TYR A 109 2.51 18.39 -18.13
N VAL A 110 1.81 17.27 -18.33
CA VAL A 110 0.47 17.06 -17.78
C VAL A 110 0.29 15.58 -17.48
N ILE A 111 -0.35 15.28 -16.36
CA ILE A 111 -0.68 13.90 -16.03
C ILE A 111 -1.92 13.48 -16.81
N LEU A 112 -1.85 12.33 -17.46
CA LEU A 112 -3.04 11.71 -18.05
C LEU A 112 -3.51 10.57 -17.14
N LYS A 113 -4.81 10.56 -16.86
CA LYS A 113 -5.40 9.58 -15.95
C LYS A 113 -6.40 8.70 -16.71
N CYS A 114 -6.53 7.45 -16.25
CA CYS A 114 -7.47 6.50 -16.83
C CYS A 114 -8.73 6.47 -15.98
N ASN A 115 -9.89 6.51 -16.64
CA ASN A 115 -11.18 6.56 -15.96
C ASN A 115 -12.02 5.31 -16.15
N ASP A 116 -11.60 4.38 -17.01
CA ASP A 116 -12.38 3.16 -17.23
C ASP A 116 -12.32 2.28 -15.99
N LYS A 117 -13.48 1.75 -15.61
CA LYS A 117 -13.60 1.06 -14.33
C LYS A 117 -12.97 -0.32 -14.35
N ASN A 118 -12.74 -0.90 -15.52
CA ASN A 118 -12.19 -2.24 -15.63
C ASN A 118 -10.69 -2.25 -15.85
N PHE A 119 -10.04 -1.09 -15.82
CA PHE A 119 -8.61 -1.03 -16.10
C PHE A 119 -7.83 -1.81 -15.04
N ASN A 120 -6.88 -2.61 -15.50
CA ASN A 120 -6.03 -3.39 -14.62
C ASN A 120 -4.64 -2.79 -14.43
N GLY A 121 -4.35 -1.66 -15.08
CA GLY A 121 -3.07 -1.00 -14.93
C GLY A 121 -2.04 -1.31 -15.99
N THR A 122 -2.38 -2.12 -16.99
CA THR A 122 -1.48 -2.43 -18.09
C THR A 122 -2.31 -2.61 -19.35
N GLY A 123 -2.07 -1.76 -20.35
CA GLY A 123 -2.79 -1.85 -21.59
C GLY A 123 -3.51 -0.57 -21.96
N PRO A 124 -4.36 -0.64 -22.98
CA PRO A 124 -4.97 0.57 -23.54
C PRO A 124 -6.20 0.99 -22.75
N CYS A 125 -6.15 2.19 -22.19
CA CYS A 125 -7.33 2.81 -21.59
C CYS A 125 -8.06 3.63 -22.66
N LYS A 126 -9.40 3.60 -22.60
CA LYS A 126 -10.22 4.34 -23.55
C LYS A 126 -10.73 5.66 -22.96
N ASN A 127 -11.29 5.62 -21.75
CA ASN A 127 -11.77 6.82 -21.06
C ASN A 127 -10.57 7.47 -20.37
N VAL A 128 -9.85 8.28 -21.14
CA VAL A 128 -8.64 8.95 -20.66
C VAL A 128 -8.95 10.43 -20.47
N SER A 129 -8.51 10.98 -19.34
CA SER A 129 -8.70 12.39 -19.03
C SER A 129 -7.35 12.99 -18.62
N SER A 130 -7.31 14.32 -18.53
CA SER A 130 -6.09 15.07 -18.27
C SER A 130 -6.21 15.83 -16.95
N VAL A 131 -5.18 15.74 -16.12
CA VAL A 131 -5.12 16.45 -14.85
C VAL A 131 -3.78 17.17 -14.75
N GLN A 132 -3.74 18.17 -13.87
CA GLN A 132 -2.48 18.78 -13.50
C GLN A 132 -1.91 18.21 -12.21
N CYS A 133 -2.74 17.57 -11.38
CA CYS A 133 -2.29 16.95 -10.16
C CYS A 133 -2.96 15.60 -9.99
N THR A 134 -2.35 14.75 -9.17
CA THR A 134 -2.93 13.45 -8.85
C THR A 134 -4.09 13.65 -7.88
N HIS A 135 -4.54 12.55 -7.26
CA HIS A 135 -5.56 12.63 -6.22
C HIS A 135 -4.89 12.54 -4.84
N GLY A 136 -5.71 12.57 -3.80
CA GLY A 136 -5.19 12.52 -2.44
C GLY A 136 -4.60 11.18 -2.07
N ILE A 137 -3.45 10.85 -2.66
CA ILE A 137 -2.81 9.57 -2.38
C ILE A 137 -2.29 9.58 -0.94
N LYS A 138 -2.71 8.58 -0.16
CA LYS A 138 -2.29 8.47 1.23
C LYS A 138 -1.08 7.54 1.31
N PRO A 139 0.11 8.04 1.65
CA PRO A 139 1.33 7.20 1.68
C PRO A 139 1.40 6.28 2.88
N VAL A 140 0.67 5.17 2.80
CA VAL A 140 0.58 4.22 3.90
C VAL A 140 1.62 3.13 3.70
N VAL A 141 2.56 3.03 4.63
CA VAL A 141 3.58 2.00 4.59
C VAL A 141 3.06 0.78 5.34
N SER A 142 2.97 -0.36 4.65
CA SER A 142 2.45 -1.58 5.22
C SER A 142 2.79 -2.74 4.30
N THR A 143 2.75 -3.94 4.85
CA THR A 143 3.06 -5.15 4.10
C THR A 143 1.83 -6.03 3.97
N GLN A 144 1.91 -6.95 3.00
CA GLN A 144 0.93 -8.01 2.82
C GLN A 144 -0.43 -7.47 2.40
N LEU A 145 -1.14 -6.79 3.30
CA LEU A 145 -2.41 -6.18 2.95
C LEU A 145 -2.22 -4.69 2.71
N LEU A 146 -3.14 -4.11 1.95
CA LEU A 146 -3.05 -2.72 1.57
C LEU A 146 -3.94 -1.88 2.48
N LEU A 147 -3.40 -0.78 2.97
CA LEU A 147 -4.01 -0.01 4.06
C LEU A 147 -4.40 1.39 3.59
N ASN A 148 -5.63 1.78 3.94
CA ASN A 148 -6.09 3.15 3.78
C ASN A 148 -5.96 3.67 2.35
N GLY A 149 -5.98 2.75 1.38
CA GLY A 149 -5.82 3.09 -0.02
C GLY A 149 -7.11 3.51 -0.68
N SER A 150 -7.17 3.31 -1.99
CA SER A 150 -8.35 3.67 -2.78
C SER A 150 -9.45 2.64 -2.63
N LEU A 151 -10.21 2.41 -3.71
CA LEU A 151 -11.27 1.43 -3.73
C LEU A 151 -11.63 1.14 -5.17
N ALA A 152 -11.88 -0.13 -5.47
CA ALA A 152 -12.18 -0.53 -6.85
C ALA A 152 -13.50 0.06 -7.28
N GLU A 153 -13.52 0.66 -8.47
CA GLU A 153 -14.71 1.28 -9.02
C GLU A 153 -15.67 0.27 -9.66
N GLU A 154 -15.38 -1.03 -9.57
CA GLU A 154 -16.24 -2.05 -10.14
C GLU A 154 -15.93 -3.41 -9.52
N GLU A 155 -15.57 -4.39 -10.34
CA GLU A 155 -15.14 -5.68 -9.82
C GLU A 155 -13.77 -5.55 -9.16
N ILE A 156 -13.42 -6.53 -8.34
CA ILE A 156 -12.07 -6.58 -7.79
C ILE A 156 -11.11 -6.92 -8.93
N ILE A 157 -9.95 -6.28 -8.91
CA ILE A 157 -9.02 -6.33 -10.03
C ILE A 157 -7.71 -6.95 -9.56
N ILE A 158 -7.12 -7.78 -10.42
CA ILE A 158 -5.85 -8.44 -10.17
C ILE A 158 -4.80 -7.75 -11.03
N ARG A 159 -3.86 -7.07 -10.38
CA ARG A 159 -2.83 -6.31 -11.07
C ARG A 159 -1.50 -7.04 -11.01
N SER A 160 -0.91 -7.29 -12.17
CA SER A 160 0.35 -8.01 -12.26
C SER A 160 1.09 -7.62 -13.53
N GLU A 161 2.42 -7.51 -13.42
CA GLU A 161 3.22 -7.19 -14.59
C GLU A 161 3.27 -8.34 -15.59
N ASN A 162 3.13 -9.57 -15.09
CA ASN A 162 3.23 -10.77 -15.90
C ASN A 162 2.72 -11.95 -15.09
N LEU A 163 1.47 -12.37 -15.34
CA LEU A 163 0.86 -13.42 -14.51
C LEU A 163 1.69 -14.69 -14.51
N THR A 164 2.33 -15.01 -15.63
CA THR A 164 3.08 -16.26 -15.73
C THR A 164 4.37 -16.20 -14.93
N ASN A 165 5.08 -15.08 -14.99
CA ASN A 165 6.28 -14.91 -14.16
C ASN A 165 5.87 -14.85 -12.69
N ASN A 166 6.40 -15.77 -11.90
CA ASN A 166 6.03 -15.88 -10.49
C ASN A 166 6.94 -15.06 -9.57
N ALA A 167 8.07 -14.55 -10.07
CA ALA A 167 8.93 -13.67 -9.29
C ALA A 167 8.35 -12.27 -9.14
N LYS A 168 7.33 -11.92 -9.92
CA LYS A 168 6.69 -10.62 -9.81
C LYS A 168 5.48 -10.71 -8.88
N THR A 169 5.22 -9.61 -8.18
CA THR A 169 4.18 -9.56 -7.17
C THR A 169 2.81 -9.38 -7.82
N ILE A 170 1.77 -9.77 -7.07
CA ILE A 170 0.39 -9.68 -7.52
C ILE A 170 -0.38 -8.81 -6.55
N ILE A 171 -1.05 -7.78 -7.07
CA ILE A 171 -1.85 -6.86 -6.28
C ILE A 171 -3.33 -7.14 -6.57
N VAL A 172 -4.12 -7.25 -5.51
CA VAL A 172 -5.55 -7.50 -5.60
C VAL A 172 -6.27 -6.26 -5.09
N HIS A 173 -6.97 -5.57 -5.98
CA HIS A 173 -7.67 -4.33 -5.63
C HIS A 173 -9.11 -4.68 -5.23
N LEU A 174 -9.45 -4.45 -3.96
CA LEU A 174 -10.76 -4.83 -3.44
C LEU A 174 -11.79 -3.75 -3.70
N ASN A 175 -13.00 -4.18 -4.06
CA ASN A 175 -14.13 -3.25 -4.19
C ASN A 175 -14.90 -3.09 -2.89
N LYS A 176 -14.55 -3.87 -1.87
CA LYS A 176 -15.07 -3.69 -0.51
C LYS A 176 -13.90 -3.37 0.40
N SER A 177 -14.12 -2.45 1.34
CA SER A 177 -13.09 -2.01 2.27
C SER A 177 -13.27 -2.75 3.59
N VAL A 178 -12.77 -3.98 3.63
CA VAL A 178 -12.72 -4.71 4.90
C VAL A 178 -11.69 -4.04 5.80
N GLU A 179 -11.88 -4.18 7.11
CA GLU A 179 -11.30 -3.27 8.08
C GLU A 179 -10.68 -4.03 9.24
N ILE A 180 -9.50 -3.59 9.66
CA ILE A 180 -8.84 -4.09 10.85
C ILE A 180 -8.87 -3.01 11.92
N ASN A 181 -8.76 -3.45 13.17
CA ASN A 181 -8.86 -2.57 14.33
C ASN A 181 -7.83 -3.07 15.33
N CYS A 182 -6.68 -2.39 15.38
CA CYS A 182 -5.52 -2.83 16.14
C CYS A 182 -5.36 -1.97 17.38
N THR A 183 -4.96 -2.60 18.49
CA THR A 183 -4.88 -1.88 19.76
C THR A 183 -3.77 -2.48 20.63
N ARG A 184 -3.12 -1.62 21.41
CA ARG A 184 -2.20 -2.04 22.46
C ARG A 184 -2.70 -1.40 23.75
N PRO A 185 -3.57 -2.08 24.50
CA PRO A 185 -4.06 -1.51 25.76
C PRO A 185 -2.96 -1.44 26.81
N SER A 186 -3.21 -0.62 27.82
CA SER A 186 -2.21 -0.30 28.83
C SER A 186 -2.26 -1.35 29.95
N ASN A 187 -1.74 -0.98 31.13
CA ASN A 187 -1.63 -1.88 32.27
C ASN A 187 -2.94 -2.57 32.64
N ASP A 195 2.16 -7.84 29.02
CA ASP A 195 3.36 -7.23 28.47
C ASP A 195 3.09 -5.82 27.92
N ILE A 196 4.12 -4.97 27.93
CA ILE A 196 4.00 -3.64 27.34
C ILE A 196 4.10 -3.67 25.82
N ARG A 197 4.23 -4.86 25.25
CA ARG A 197 4.34 -5.02 23.81
C ARG A 197 3.25 -5.93 23.24
N LYS A 198 2.41 -6.51 24.10
CA LYS A 198 1.27 -7.28 23.63
C LYS A 198 0.28 -6.39 22.91
N ALA A 199 -0.10 -6.79 21.70
CA ALA A 199 -1.08 -6.06 20.90
C ALA A 199 -1.92 -7.07 20.12
N TYR A 200 -3.04 -6.60 19.57
CA TYR A 200 -3.96 -7.46 18.87
C TYR A 200 -4.85 -6.65 17.94
N CYS A 201 -5.09 -7.18 16.75
CA CYS A 201 -6.03 -6.59 15.79
C CYS A 201 -7.28 -7.46 15.73
N GLU A 202 -8.43 -6.81 15.55
CA GLU A 202 -9.71 -7.51 15.42
C GLU A 202 -10.30 -7.24 14.04
N ILE A 203 -10.72 -8.31 13.36
CA ILE A 203 -11.30 -8.24 12.03
C ILE A 203 -12.59 -9.03 12.06
N ASN A 204 -13.65 -8.48 11.44
CA ASN A 204 -14.89 -9.23 11.36
C ASN A 204 -14.65 -10.46 10.50
N GLY A 205 -14.96 -11.64 11.04
CA GLY A 205 -14.61 -12.88 10.36
C GLY A 205 -15.37 -13.05 9.05
N THR A 206 -16.69 -12.92 9.09
CA THR A 206 -17.51 -13.19 7.92
C THR A 206 -17.40 -12.10 6.86
N LYS A 207 -17.08 -10.86 7.24
CA LYS A 207 -16.92 -9.80 6.26
C LYS A 207 -15.67 -10.02 5.43
N TRP A 208 -14.54 -10.29 6.08
CA TRP A 208 -13.29 -10.52 5.37
C TRP A 208 -13.30 -11.86 4.65
N ASN A 209 -14.01 -12.85 5.18
CA ASN A 209 -14.09 -14.14 4.53
C ASN A 209 -15.07 -14.14 3.37
N LYS A 210 -16.13 -13.35 3.46
CA LYS A 210 -17.02 -13.17 2.31
C LYS A 210 -16.32 -12.41 1.19
N VAL A 211 -15.36 -11.54 1.54
CA VAL A 211 -14.59 -10.83 0.54
C VAL A 211 -13.51 -11.72 -0.07
N LEU A 212 -12.86 -12.54 0.76
CA LEU A 212 -11.80 -13.40 0.26
C LEU A 212 -12.34 -14.59 -0.52
N LYS A 213 -13.53 -15.10 -0.15
CA LYS A 213 -14.13 -16.13 -1.00
C LYS A 213 -14.50 -15.57 -2.36
N GLN A 214 -14.73 -14.26 -2.44
CA GLN A 214 -14.83 -13.60 -3.74
C GLN A 214 -13.46 -13.46 -4.39
N VAL A 215 -12.42 -13.20 -3.59
CA VAL A 215 -11.08 -12.96 -4.13
C VAL A 215 -10.59 -14.18 -4.90
N THR A 216 -10.68 -15.36 -4.30
CA THR A 216 -10.22 -16.58 -4.94
C THR A 216 -11.02 -16.93 -6.19
N GLU A 217 -12.32 -16.59 -6.20
CA GLU A 217 -13.15 -16.90 -7.36
C GLU A 217 -12.90 -15.93 -8.51
N LYS A 218 -12.65 -14.65 -8.21
CA LYS A 218 -12.23 -13.70 -9.23
C LYS A 218 -10.72 -13.76 -9.47
N LEU A 219 -10.04 -14.72 -8.86
CA LEU A 219 -8.64 -14.96 -9.14
C LEU A 219 -8.42 -16.27 -9.87
N LYS A 220 -9.27 -17.27 -9.61
CA LYS A 220 -9.24 -18.52 -10.36
C LYS A 220 -9.43 -18.30 -11.85
N GLU A 221 -10.20 -17.26 -12.22
CA GLU A 221 -10.52 -17.04 -13.64
C GLU A 221 -9.27 -16.73 -14.46
N HIS A 222 -8.24 -16.13 -13.86
CA HIS A 222 -6.99 -15.91 -14.56
C HIS A 222 -6.11 -17.14 -14.63
N PHE A 223 -6.50 -18.25 -13.99
CA PHE A 223 -5.67 -19.43 -13.89
C PHE A 223 -6.38 -20.68 -14.36
N ASN A 224 -7.18 -20.54 -15.42
CA ASN A 224 -7.76 -21.68 -16.14
C ASN A 224 -8.64 -22.53 -15.23
N ASN A 225 -9.34 -21.89 -14.30
CA ASN A 225 -10.17 -22.57 -13.29
C ASN A 225 -9.38 -23.62 -12.51
N LYS A 226 -8.08 -23.41 -12.36
CA LYS A 226 -7.29 -24.26 -11.48
C LYS A 226 -7.75 -24.07 -10.04
N THR A 227 -7.61 -25.13 -9.25
CA THR A 227 -8.06 -25.07 -7.85
C THR A 227 -7.10 -24.17 -7.07
N ILE A 228 -7.56 -22.97 -6.74
CA ILE A 228 -6.73 -22.04 -6.00
C ILE A 228 -6.76 -22.39 -4.52
N ILE A 229 -5.78 -21.87 -3.78
CA ILE A 229 -5.64 -22.20 -2.36
C ILE A 229 -4.70 -21.22 -1.67
N PHE A 230 -4.97 -20.92 -0.40
CA PHE A 230 -4.25 -19.89 0.33
C PHE A 230 -3.48 -20.51 1.50
N GLN A 231 -2.40 -19.85 1.90
CA GLN A 231 -1.46 -20.42 2.85
C GLN A 231 -0.69 -19.27 3.51
N PRO A 232 0.07 -19.54 4.57
CA PRO A 232 0.82 -18.48 5.23
C PRO A 232 2.24 -18.38 4.69
N PRO A 233 2.92 -17.26 4.94
CA PRO A 233 4.25 -17.05 4.36
C PRO A 233 5.21 -18.18 4.69
N SER A 234 6.02 -18.55 3.70
CA SER A 234 6.95 -19.67 3.79
C SER A 234 8.35 -19.12 3.60
N GLY A 235 8.96 -18.68 4.69
CA GLY A 235 10.28 -18.11 4.64
C GLY A 235 10.26 -16.61 4.61
N GLY A 236 10.96 -15.98 5.54
CA GLY A 236 10.98 -14.53 5.60
C GLY A 236 11.63 -14.06 6.88
N ASP A 237 11.50 -12.76 7.13
CA ASP A 237 12.11 -12.10 8.28
C ASP A 237 11.07 -11.21 8.96
N LEU A 238 10.02 -11.84 9.48
CA LEU A 238 8.93 -11.18 10.22
C LEU A 238 8.21 -10.12 9.40
N GLU A 239 8.95 -9.10 8.94
CA GLU A 239 8.31 -8.00 8.20
C GLU A 239 7.54 -8.52 7.00
N ILE A 240 8.06 -9.54 6.32
CA ILE A 240 7.35 -10.11 5.18
C ILE A 240 6.36 -11.18 5.64
N THR A 241 6.73 -11.96 6.66
CA THR A 241 5.83 -13.03 7.10
C THR A 241 4.68 -12.49 7.93
N MET A 242 4.97 -11.56 8.84
CA MET A 242 3.94 -10.94 9.67
C MET A 242 3.49 -9.62 9.03
N HIS A 243 2.20 -9.36 9.09
CA HIS A 243 1.67 -8.08 8.63
C HIS A 243 2.25 -6.94 9.45
N THR A 244 3.11 -6.15 8.82
CA THR A 244 3.82 -5.06 9.50
C THR A 244 3.34 -3.72 8.98
N PHE A 245 3.08 -2.79 9.90
CA PHE A 245 2.68 -1.44 9.54
C PHE A 245 3.12 -0.52 10.68
N ASN A 246 2.74 0.75 10.59
CA ASN A 246 3.06 1.75 11.60
C ASN A 246 1.76 2.37 12.11
N CYS A 247 1.59 2.35 13.43
CA CYS A 247 0.38 2.89 14.06
C CYS A 247 0.79 3.87 15.14
N ARG A 248 0.45 5.15 14.93
CA ARG A 248 0.73 6.20 15.91
C ARG A 248 2.21 6.27 16.27
N GLY A 249 3.07 5.96 15.29
CA GLY A 249 4.51 5.99 15.50
C GLY A 249 5.12 4.67 15.91
N GLU A 250 4.32 3.63 16.09
CA GLU A 250 4.81 2.33 16.52
C GLU A 250 4.65 1.31 15.39
N PHE A 251 5.64 0.44 15.24
CA PHE A 251 5.61 -0.61 14.24
C PHE A 251 4.96 -1.87 14.80
N PHE A 252 3.94 -2.35 14.10
CA PHE A 252 3.08 -3.43 14.58
C PHE A 252 3.31 -4.65 13.70
N TYR A 253 3.76 -5.74 14.31
CA TYR A 253 3.91 -7.02 13.63
C TYR A 253 2.75 -7.92 14.03
N CYS A 254 1.90 -8.26 13.07
CA CYS A 254 0.66 -8.96 13.35
C CYS A 254 0.60 -10.26 12.56
N ASN A 255 0.43 -11.38 13.27
CA ASN A 255 0.39 -12.71 12.66
C ASN A 255 -0.92 -12.87 11.89
N THR A 256 -0.83 -12.95 10.56
CA THR A 256 -1.99 -13.09 9.70
C THR A 256 -2.21 -14.52 9.23
N THR A 257 -1.86 -15.51 10.06
CA THR A 257 -2.14 -16.88 9.70
C THR A 257 -3.62 -17.22 9.80
N GLN A 258 -4.41 -16.35 10.44
CA GLN A 258 -5.84 -16.59 10.60
C GLN A 258 -6.66 -16.15 9.40
N LEU A 259 -6.04 -15.54 8.39
CA LEU A 259 -6.73 -15.06 7.21
C LEU A 259 -6.48 -15.91 5.97
N PHE A 260 -5.28 -16.46 5.81
CA PHE A 260 -4.94 -17.28 4.66
C PHE A 260 -4.82 -18.75 5.01
N ASN A 261 -5.32 -19.16 6.17
CA ASN A 261 -5.22 -20.56 6.58
C ASN A 261 -6.47 -21.04 7.29
N ASN A 262 -7.11 -20.15 8.05
CA ASN A 262 -8.33 -20.52 8.79
C ASN A 262 -9.50 -20.81 7.85
N THR A 263 -9.22 -21.49 6.74
CA THR A 263 -10.15 -21.86 5.66
C THR A 263 -11.48 -21.11 5.67
N CYS A 264 -12.56 -21.78 6.09
CA CYS A 264 -13.92 -21.24 6.03
C CYS A 264 -14.29 -20.89 4.59
N ILE A 265 -13.69 -21.59 3.63
CA ILE A 265 -13.97 -21.39 2.22
C ILE A 265 -14.64 -22.63 1.65
N GLY A 272 -18.91 -22.66 11.13
CA GLY A 272 -18.37 -22.55 12.47
C GLY A 272 -17.35 -21.44 12.63
N CYS A 273 -17.44 -20.44 11.74
CA CYS A 273 -16.52 -19.31 11.80
C CYS A 273 -17.13 -18.07 11.15
N ASN A 274 -17.94 -17.33 11.91
CA ASN A 274 -18.51 -16.07 11.45
C ASN A 274 -18.34 -14.95 12.46
N GLY A 275 -17.57 -15.17 13.54
CA GLY A 275 -17.35 -14.16 14.55
C GLY A 275 -16.10 -13.36 14.30
N THR A 276 -15.80 -12.46 15.25
CA THR A 276 -14.69 -11.53 15.09
C THR A 276 -13.37 -12.31 15.11
N ILE A 277 -12.71 -12.39 13.96
CA ILE A 277 -11.39 -13.00 13.89
C ILE A 277 -10.39 -12.08 14.56
N THR A 278 -9.65 -12.61 15.54
CA THR A 278 -8.71 -11.83 16.33
C THR A 278 -7.30 -12.35 16.10
N LEU A 279 -6.43 -11.49 15.61
CA LEU A 279 -5.05 -11.78 15.31
C LEU A 279 -4.12 -11.11 16.32
N PRO A 280 -3.01 -11.74 16.70
CA PRO A 280 -2.10 -11.17 17.69
C PRO A 280 -1.10 -10.22 17.04
N CYS A 281 -0.48 -9.39 17.88
CA CYS A 281 0.52 -8.45 17.40
C CYS A 281 1.61 -8.24 18.45
N LYS A 282 2.79 -7.85 17.97
CA LYS A 282 3.91 -7.45 18.81
C LYS A 282 4.46 -6.11 18.34
N ILE A 283 4.94 -5.32 19.28
CA ILE A 283 5.57 -4.04 18.99
C ILE A 283 7.08 -4.26 18.97
N LYS A 284 7.66 -4.29 17.79
CA LYS A 284 9.09 -4.59 17.68
C LYS A 284 9.91 -3.30 17.79
N GLN A 285 10.92 -3.33 18.66
CA GLN A 285 11.83 -2.20 18.78
C GLN A 285 12.82 -2.16 17.63
N ILE A 286 13.40 -3.31 17.30
CA ILE A 286 14.29 -3.42 16.15
C ILE A 286 13.46 -3.63 14.89
N ILE A 287 13.85 -2.95 13.82
CA ILE A 287 13.15 -3.04 12.54
C ILE A 287 14.18 -3.12 11.43
N ASN A 288 14.09 -4.17 10.60
CA ASN A 288 14.85 -4.20 9.37
C ASN A 288 14.24 -3.19 8.40
N MET A 289 15.06 -2.22 7.97
CA MET A 289 14.55 -1.08 7.24
C MET A 289 13.86 -1.49 5.93
N TRP A 290 12.71 -0.86 5.65
CA TRP A 290 12.09 -0.98 4.35
C TRP A 290 12.69 -0.05 3.32
N GLN A 291 13.33 1.04 3.77
CA GLN A 291 13.93 2.03 2.90
C GLN A 291 15.23 1.50 2.29
N GLY A 292 16.32 1.59 3.05
CA GLY A 292 17.57 1.01 2.64
C GLY A 292 17.68 -0.45 3.07
N THR A 293 18.87 -0.86 3.50
CA THR A 293 19.11 -2.23 3.97
C THR A 293 19.86 -2.16 5.28
N GLY A 294 19.27 -2.71 6.33
CA GLY A 294 19.88 -2.67 7.65
C GLY A 294 18.81 -2.60 8.72
N GLN A 295 19.27 -2.75 9.96
CA GLN A 295 18.41 -2.71 11.13
C GLN A 295 18.41 -1.32 11.75
N ALA A 296 17.43 -1.09 12.61
CA ALA A 296 17.28 0.19 13.30
C ALA A 296 16.43 -0.04 14.54
N MET A 297 16.96 0.25 15.72
CA MET A 297 16.27 0.04 16.99
C MET A 297 15.74 1.35 17.53
N TYR A 298 14.56 1.32 18.16
CA TYR A 298 13.95 2.52 18.72
C TYR A 298 13.86 2.47 20.24
N ALA A 299 12.66 2.73 20.75
CA ALA A 299 12.43 2.73 22.18
C ALA A 299 11.05 2.17 22.45
N PRO A 300 10.74 1.89 23.71
CA PRO A 300 9.45 1.26 24.04
C PRO A 300 8.29 2.11 23.56
N PRO A 301 7.13 1.48 23.33
CA PRO A 301 5.92 2.25 23.03
C PRO A 301 5.54 3.14 24.20
N ILE A 302 5.06 4.34 23.88
CA ILE A 302 4.61 5.24 24.93
C ILE A 302 3.38 4.65 25.62
N ASP A 303 3.17 5.05 26.87
CA ASP A 303 2.06 4.52 27.64
C ASP A 303 0.73 5.03 27.08
N GLY A 304 -0.32 4.31 27.41
CA GLY A 304 -1.65 4.63 26.93
C GLY A 304 -2.08 3.71 25.82
N LYS A 305 -3.40 3.56 25.67
CA LYS A 305 -3.94 2.67 24.65
C LYS A 305 -3.60 3.21 23.26
N ILE A 306 -2.99 2.35 22.45
CA ILE A 306 -2.55 2.69 21.10
C ILE A 306 -3.47 1.96 20.14
N ASN A 307 -4.36 2.71 19.49
CA ASN A 307 -5.39 2.11 18.64
C ASN A 307 -5.37 2.77 17.27
N CYS A 308 -5.45 1.95 16.23
CA CYS A 308 -5.55 2.44 14.86
C CYS A 308 -6.68 1.70 14.16
N VAL A 309 -7.43 2.44 13.34
CA VAL A 309 -8.64 1.95 12.69
C VAL A 309 -8.40 2.07 11.20
N SER A 310 -7.84 1.03 10.58
CA SER A 310 -7.40 1.08 9.19
C SER A 310 -8.28 0.23 8.29
N ASN A 311 -8.28 0.58 7.00
CA ASN A 311 -9.08 -0.10 5.99
C ASN A 311 -8.16 -1.00 5.15
N ILE A 312 -8.51 -2.27 5.03
CA ILE A 312 -7.87 -3.10 4.00
C ILE A 312 -8.59 -2.84 2.69
N THR A 313 -7.83 -2.41 1.70
CA THR A 313 -8.39 -2.17 0.37
C THR A 313 -7.72 -3.01 -0.69
N GLY A 314 -6.67 -3.76 -0.34
CA GLY A 314 -5.95 -4.60 -1.27
C GLY A 314 -5.01 -5.51 -0.51
N ILE A 315 -4.44 -6.47 -1.25
CA ILE A 315 -3.45 -7.39 -0.70
C ILE A 315 -2.38 -7.64 -1.75
N LEU A 316 -1.18 -7.94 -1.27
CA LEU A 316 -0.03 -8.26 -2.10
C LEU A 316 0.33 -9.72 -1.89
N LEU A 317 0.34 -10.50 -2.97
CA LEU A 317 0.59 -11.93 -2.88
C LEU A 317 1.66 -12.35 -3.88
N THR A 318 2.27 -13.50 -3.59
CA THR A 318 3.35 -14.04 -4.42
C THR A 318 3.03 -15.49 -4.74
N ARG A 319 2.98 -15.81 -6.04
CA ARG A 319 2.64 -17.14 -6.51
C ARG A 319 3.72 -18.15 -6.12
N ASP A 320 3.37 -19.43 -6.26
CA ASP A 320 4.34 -20.50 -6.08
C ASP A 320 5.34 -20.53 -7.23
N GLY A 321 6.58 -20.86 -6.91
CA GLY A 321 7.55 -21.23 -7.92
C GLY A 321 7.68 -22.72 -7.99
N GLY A 322 6.91 -23.36 -8.88
CA GLY A 322 7.02 -24.80 -9.04
C GLY A 322 5.71 -25.53 -9.18
N ALA A 323 4.59 -24.91 -8.77
CA ALA A 323 3.29 -25.56 -8.81
C ALA A 323 2.78 -25.70 -10.24
N ASN A 324 3.70 -25.90 -11.18
CA ASN A 324 3.38 -26.12 -12.59
C ASN A 324 2.60 -27.42 -12.77
N ASN A 325 3.31 -28.55 -12.74
CA ASN A 325 2.71 -29.86 -12.92
C ASN A 325 1.83 -30.20 -11.71
N THR A 326 0.77 -29.43 -11.51
CA THR A 326 -0.10 -29.57 -10.36
C THR A 326 -1.52 -29.30 -10.83
N SER A 327 -2.49 -29.48 -9.93
CA SER A 327 -3.85 -29.01 -10.15
C SER A 327 -4.17 -27.82 -9.26
N ASN A 328 -3.15 -27.20 -8.66
CA ASN A 328 -3.35 -26.15 -7.68
C ASN A 328 -2.30 -25.05 -7.84
N GLU A 329 -2.51 -23.97 -7.10
CA GLU A 329 -1.60 -22.81 -7.05
C GLU A 329 -1.79 -22.17 -5.68
N THR A 330 -0.86 -22.44 -4.77
CA THR A 330 -0.97 -21.86 -3.44
C THR A 330 -0.46 -20.43 -3.46
N PHE A 331 -1.18 -19.54 -2.77
CA PHE A 331 -0.81 -18.14 -2.71
C PHE A 331 -0.47 -17.74 -1.29
N ARG A 332 0.56 -16.90 -1.19
CA ARG A 332 1.13 -16.42 0.06
C ARG A 332 1.26 -14.91 -0.04
N PRO A 333 1.07 -14.20 1.07
CA PRO A 333 1.10 -12.73 1.01
C PRO A 333 2.51 -12.21 0.78
N GLY A 334 2.58 -11.09 0.06
CA GLY A 334 3.85 -10.53 -0.38
C GLY A 334 4.24 -9.30 0.40
N GLY A 335 5.54 -9.06 0.48
CA GLY A 335 6.05 -7.89 1.17
C GLY A 335 7.40 -7.51 0.62
N GLY A 336 8.03 -6.56 1.32
CA GLY A 336 9.34 -6.09 0.92
C GLY A 336 9.31 -4.81 0.13
N ASP A 337 9.18 -4.92 -1.19
CA ASP A 337 9.13 -3.75 -2.05
C ASP A 337 7.90 -2.92 -1.75
N MET A 338 8.13 -1.69 -1.25
CA MET A 338 7.03 -0.77 -0.99
C MET A 338 6.59 0.00 -2.23
N ARG A 339 7.25 -0.22 -3.37
CA ARG A 339 6.85 0.46 -4.60
C ARG A 339 5.48 0.02 -5.05
N ASP A 340 5.15 -1.26 -4.87
CA ASP A 340 3.84 -1.77 -5.27
C ASP A 340 2.71 -1.11 -4.48
N ASN A 341 2.96 -0.76 -3.23
CA ASN A 341 1.99 0.03 -2.47
C ASN A 341 1.81 1.40 -3.12
N TRP A 342 2.89 1.97 -3.67
CA TRP A 342 2.77 3.21 -4.41
C TRP A 342 2.11 2.98 -5.76
N ARG A 343 2.43 1.83 -6.38
CA ARG A 343 1.84 1.50 -7.67
C ARG A 343 0.33 1.33 -7.57
N SER A 344 -0.16 0.86 -6.42
CA SER A 344 -1.56 0.50 -6.28
C SER A 344 -2.47 1.71 -6.49
N GLU A 345 -2.07 2.86 -5.99
CA GLU A 345 -2.83 4.09 -6.17
C GLU A 345 -2.40 4.89 -7.39
N LEU A 346 -1.19 4.66 -7.90
CA LEU A 346 -0.67 5.34 -9.07
C LEU A 346 -0.91 4.54 -10.36
N TYR A 347 -1.74 3.50 -10.30
CA TYR A 347 -1.99 2.60 -11.42
C TYR A 347 -2.74 3.28 -12.56
N LYS A 348 -3.19 4.52 -12.34
CA LYS A 348 -4.05 5.21 -13.28
C LYS A 348 -3.44 6.47 -13.88
N TYR A 349 -2.24 6.86 -13.47
CA TYR A 349 -1.61 8.09 -13.92
C TYR A 349 -0.39 7.82 -14.78
N LYS A 350 -0.19 8.66 -15.81
CA LYS A 350 1.00 8.62 -16.64
C LYS A 350 1.32 10.03 -17.08
N VAL A 351 2.55 10.47 -16.83
CA VAL A 351 2.97 11.83 -17.15
C VAL A 351 3.38 11.89 -18.62
N VAL A 352 2.86 12.89 -19.33
CA VAL A 352 3.13 13.06 -20.76
C VAL A 352 3.63 14.49 -20.99
N GLN A 353 4.34 14.67 -22.10
CA GLN A 353 4.98 15.94 -22.45
C GLN A 353 4.21 16.57 -23.60
N ILE A 354 3.69 17.78 -23.36
CA ILE A 354 2.86 18.47 -24.34
C ILE A 354 3.73 18.99 -25.47
N GLU A 355 3.39 18.61 -26.71
CA GLU A 355 4.06 19.12 -27.90
C GLU A 355 3.06 19.45 -29.00
C1 NAG B . -4.97 -6.27 -18.50
C2 NAG B . -4.66 -7.76 -18.59
C3 NAG B . -4.09 -8.11 -19.96
C4 NAG B . -4.98 -7.58 -21.07
C5 NAG B . -5.24 -6.09 -20.87
C6 NAG B . -6.19 -5.51 -21.89
C7 NAG B . -4.13 -8.81 -16.44
C8 NAG B . -3.06 -9.11 -15.43
N2 NAG B . -3.75 -8.15 -17.54
O3 NAG B . -3.96 -9.52 -20.08
O4 NAG B . -4.37 -7.80 -22.34
O5 NAG B . -5.82 -5.88 -19.58
O6 NAG B . -7.54 -5.82 -21.57
O7 NAG B . -5.30 -9.14 -16.26
C1 NAG C . -15.43 8.59 -18.29
C2 NAG C . -16.94 8.38 -18.40
C3 NAG C . -17.65 8.85 -17.13
C4 NAG C . -17.06 10.14 -16.58
C5 NAG C . -15.54 10.05 -16.43
C6 NAG C . -15.09 10.15 -15.00
C7 NAG C . -18.25 8.46 -20.47
C8 NAG C . -18.71 9.31 -21.62
N2 NAG C . -17.47 9.07 -19.56
O3 NAG C . -17.57 7.82 -16.15
O4 NAG C . -17.38 11.22 -17.45
O5 NAG C . -15.08 8.79 -16.93
O6 NAG C . -16.07 9.64 -14.10
O7 NAG C . -18.55 7.27 -20.38
C1 NAG D . -5.79 4.71 8.48
C2 NAG D . -4.66 4.79 9.49
C3 NAG D . -5.22 4.97 10.90
C4 NAG D . -6.17 6.15 10.96
C5 NAG D . -7.26 5.99 9.90
C6 NAG D . -8.20 7.16 9.82
C7 NAG D . -2.47 3.68 9.34
C8 NAG D . -1.76 2.36 9.28
N2 NAG D . -3.81 3.61 9.43
O3 NAG D . -4.14 5.17 11.82
O4 NAG D . -6.79 6.23 12.24
O5 NAG D . -6.64 5.85 8.61
O6 NAG D . -7.50 8.40 9.71
O7 NAG D . -1.88 4.75 9.30
C1 NAG E . 6.32 -13.53 -18.63
C2 NAG E . 7.04 -13.00 -19.87
C3 NAG E . 7.28 -14.13 -20.86
C4 NAG E . 8.03 -15.27 -20.19
C5 NAG E . 7.30 -15.71 -18.92
C6 NAG E . 8.05 -16.76 -18.13
C7 NAG E . 6.88 -10.83 -20.99
C8 NAG E . 5.96 -9.81 -21.61
N2 NAG E . 6.29 -11.92 -20.50
O3 NAG E . 8.04 -13.65 -21.97
O4 NAG E . 8.13 -16.39 -21.08
O5 NAG E . 7.09 -14.60 -18.05
O6 NAG E . 9.21 -16.22 -17.52
O7 NAG E . 8.10 -10.66 -20.95
C1 NAG F . -16.91 -6.95 -6.08
C2 NAG F . -18.43 -6.90 -5.97
C3 NAG F . -19.01 -8.32 -6.04
C4 NAG F . -18.51 -9.03 -7.29
C5 NAG F . -16.98 -9.01 -7.34
C6 NAG F . -16.43 -9.60 -8.62
C7 NAG F . -19.21 -4.95 -4.73
C8 NAG F . -19.61 -4.41 -3.39
N2 NAG F . -18.85 -6.23 -4.76
O3 NAG F . -20.43 -8.25 -6.05
O4 NAG F . -18.96 -10.39 -7.29
O5 NAG F . -16.52 -7.65 -7.27
O6 NAG F . -15.39 -10.53 -8.37
O7 NAG F . -19.23 -4.25 -5.74
C1 NAG G . -11.65 -1.55 18.27
C2 NAG G . -13.12 -1.22 18.48
C3 NAG G . -13.33 -0.57 19.85
C4 NAG G . -12.75 -1.45 20.94
C5 NAG G . -11.30 -1.80 20.63
C6 NAG G . -10.72 -2.80 21.60
C7 NAG G . -14.90 -0.37 17.02
C8 NAG G . -15.25 0.59 15.91
N2 NAG G . -13.63 -0.35 17.42
O3 NAG G . -14.72 -0.36 20.08
O4 NAG G . -12.82 -0.79 22.19
O5 NAG G . -11.19 -2.39 19.33
O6 NAG G . -11.40 -4.05 21.51
O7 NAG G . -15.74 -1.11 17.52
C1 NAG H . 1.53 -17.40 13.56
C2 NAG H . 3.01 -17.81 13.53
C3 NAG H . 3.14 -19.28 13.19
C4 NAG H . 2.29 -20.13 14.12
C5 NAG H . 0.85 -19.64 14.10
C6 NAG H . -0.05 -20.36 15.08
C7 NAG H . 5.04 -16.70 12.73
C8 NAG H . 5.66 -15.85 11.65
N2 NAG H . 3.75 -16.99 12.58
O3 NAG H . 4.50 -19.68 13.30
O4 NAG H . 2.32 -21.50 13.72
O5 NAG H . 0.81 -18.26 14.45
O6 NAG H . -1.41 -20.01 14.91
O7 NAG H . 5.70 -17.11 13.69
C1 NAG I . -14.48 -21.62 -15.44
C2 NAG I . -14.45 -21.22 -16.90
C3 NAG I . -15.61 -20.28 -17.23
C4 NAG I . -16.94 -20.88 -16.77
C5 NAG I . -16.86 -21.31 -15.31
C6 NAG I . -18.09 -22.03 -14.83
C7 NAG I . -12.05 -21.26 -17.45
C8 NAG I . -10.84 -20.44 -17.74
N2 NAG I . -13.18 -20.58 -17.23
O3 NAG I . -15.65 -20.05 -18.64
O4 NAG I . -17.98 -19.93 -16.92
O5 NAG I . -15.75 -22.21 -15.14
O6 NAG I . -18.77 -21.28 -13.83
O7 NAG I . -12.01 -22.48 -17.40
C1 NAG J . -12.94 3.01 5.10
C2 NAG J . -12.74 4.50 4.86
C3 NAG J . -14.07 5.24 4.87
C4 NAG J . -15.05 4.60 3.90
C5 NAG J . -15.19 3.13 4.22
C6 NAG J . -16.09 2.38 3.24
C7 NAG J . -10.65 5.61 5.54
C8 NAG J . -9.85 6.15 6.68
N2 NAG J . -11.84 5.07 5.85
O3 NAG J . -13.86 6.60 4.53
O4 NAG J . -16.32 5.23 3.97
O5 NAG J . -13.91 2.49 4.16
O6 NAG J . -15.36 1.93 2.10
O7 NAG J . -10.24 5.67 4.39
C1 NAG K . 6.69 -23.67 -15.49
C2 NAG K . 5.85 -23.32 -16.71
C3 NAG K . 6.67 -22.49 -17.67
C4 NAG K . 7.21 -21.26 -16.96
C5 NAG K . 7.93 -21.64 -15.66
C6 NAG K . 8.32 -20.44 -14.83
C7 NAG K . 4.03 -24.75 -17.53
C8 NAG K . 3.67 -26.04 -18.19
N2 NAG K . 5.33 -24.53 -17.35
O3 NAG K . 5.86 -22.10 -18.77
O4 NAG K . 8.13 -20.57 -17.80
O5 NAG K . 7.09 -22.46 -14.82
O6 NAG K . 8.01 -20.62 -13.45
O7 NAG K . 3.17 -23.94 -17.18
C10 ZNF L . 11.92 -4.80 4.89
C11 ZNF L . 10.55 -4.08 5.16
N13 ZNF L . 10.43 -3.45 6.46
C14 ZNF L . 9.28 -2.71 6.99
C16 ZNF L . 6.95 -2.17 7.05
C20 ZNF L . 8.47 -1.06 8.54
C21 ZNF L . 9.52 -1.80 8.00
C22 ZNF L . 12.07 -5.85 5.92
C01 ZNF L . 14.46 -3.77 -1.98
C03 ZNF L . 15.82 -3.69 -0.31
C04 ZNF L . 16.94 -2.68 -0.74
C05 ZNF L . 15.91 -3.76 1.22
C07 ZNF L . 14.67 -5.34 2.75
C09 ZNF L . 12.08 -5.39 3.48
C15 ZNF L . 7.99 -2.91 6.52
C18 ZNF L . 7.20 -1.26 8.07
C23 ZNF L . 13.31 -6.65 5.80
C26 ZNF L . 13.61 -7.05 4.35
C28 ZNF L . 13.66 -3.30 1.43
C29 ZNF L . 13.44 -3.48 -0.10
C30 ZNF L . 12.32 -2.48 -0.56
F17 ZNF L . 5.68 -2.34 6.60
N02 ZNF L . 14.60 -3.24 -0.86
N06 ZNF L . 14.70 -4.17 1.84
N08 ZNF L . 13.49 -5.87 3.44
O12 ZNF L . 9.70 -4.06 4.35
O27 ZNF L . 15.69 -5.90 2.92
CL1 ZNF L . 5.84 -0.32 8.75
N1 EPE M . 10.56 17.83 -3.68
C2 EPE M . 9.21 18.10 -4.19
C3 EPE M . 8.40 16.81 -4.20
N4 EPE M . 9.11 15.75 -4.88
C5 EPE M . 10.53 15.56 -4.63
C6 EPE M . 11.26 16.90 -4.57
C7 EPE M . 8.40 14.94 -5.86
C8 EPE M . 8.82 13.47 -5.87
O8 EPE M . 9.95 13.29 -6.68
C9 EPE M . 11.32 19.09 -3.60
C10 EPE M . 11.12 19.70 -2.21
S EPE M . 12.55 20.65 -1.64
O1S EPE M . 12.22 22.07 -1.64
O2S EPE M . 12.87 20.22 -0.28
O3S EPE M . 13.72 20.43 -2.49
CL CL N . -14.69 12.47 -34.36
#